data_6W9S
#
_entry.id   6W9S
#
_cell.length_a   67.336
_cell.length_b   67.336
_cell.length_c   144.427
_cell.angle_alpha   90.000
_cell.angle_beta   90.000
_cell.angle_gamma   90.000
#
_symmetry.space_group_name_H-M   'P 41 2 2'
#
loop_
_entity.id
_entity.type
_entity.pdbx_description
1 polymer 'OTU domain-containing protein EschOTU'
2 polymer Ubiquitin
3 non-polymer 'FORMIC ACID'
4 water water
#
loop_
_entity_poly.entity_id
_entity_poly.type
_entity_poly.pdbx_seq_one_letter_code
_entity_poly.pdbx_strand_id
1 'polypeptide(L)'
;SSPQSVFSDSVSSSRLELKKQIIKALDLDYWQGSGGEIMPLVLIDFYKRHNININIYLNHCKVNNFDKKAINLINAGNHY
NALTMNSRGNIERIDVPGDGNCLYHAVVKSHQITRKPKPYGNELQKDKPEWCILKESLKTHFDKDFDQFVEQVKCILISE
NTHEANKILDKVAQYSGVK
;
A
2 'polypeptide(L)'
;GPMQIFVKTLTGKTITLEVEPSDTIENVKAKIQDKEGIPPDQQRLIFAGKQLEDGRTLSDYNIQKESTLHLVLRLRG
(NEH)
;
B
#
loop_
_chem_comp.id
_chem_comp.type
_chem_comp.name
_chem_comp.formula
FMT non-polymer 'FORMIC ACID' 'C H2 O2'
NEH non-polymer ETHANAMINE 'C2 H7 N'
#
# COMPACT_ATOMS: atom_id res chain seq x y z
N SER A 2 -13.34 -37.96 28.30
CA SER A 2 -13.88 -37.99 26.95
C SER A 2 -14.20 -36.60 26.36
N PRO A 3 -14.88 -35.71 27.09
CA PRO A 3 -15.05 -34.34 26.58
C PRO A 3 -13.78 -33.52 26.79
N GLN A 4 -13.72 -32.39 26.10
CA GLN A 4 -12.55 -31.51 26.21
C GLN A 4 -12.61 -30.71 27.52
N SER A 5 -11.67 -31.00 28.43
CA SER A 5 -11.48 -30.26 29.66
C SER A 5 -10.46 -29.12 29.58
N VAL A 6 -9.56 -29.10 28.60
CA VAL A 6 -8.43 -28.17 28.59
C VAL A 6 -8.48 -27.33 27.33
N PHE A 7 -8.28 -26.02 27.48
CA PHE A 7 -8.55 -25.11 26.40
C PHE A 7 -7.45 -24.06 26.30
N SER A 8 -7.10 -23.74 25.08
CA SER A 8 -6.40 -22.50 24.77
C SER A 8 -6.86 -22.18 23.37
N ASP A 9 -7.13 -20.92 23.07
CA ASP A 9 -7.61 -20.54 21.75
C ASP A 9 -6.95 -19.24 21.34
N SER A 10 -6.37 -19.23 20.15
CA SER A 10 -5.74 -18.02 19.66
C SER A 10 -6.73 -17.05 19.01
N VAL A 11 -7.89 -17.53 18.55
CA VAL A 11 -8.83 -16.69 17.81
C VAL A 11 -10.24 -17.24 18.00
N SER A 12 -11.23 -16.37 17.82
CA SER A 12 -12.65 -16.72 17.86
C SER A 12 -13.11 -17.24 16.51
N SER A 13 -14.15 -18.08 16.54
CA SER A 13 -14.67 -18.62 15.30
C SER A 13 -15.43 -17.55 14.51
N SER A 14 -16.28 -16.76 15.18
CA SER A 14 -17.07 -15.79 14.42
C SER A 14 -16.22 -14.62 13.95
N ARG A 15 -15.14 -14.34 14.68
CA ARG A 15 -14.16 -13.35 14.26
C ARG A 15 -13.41 -13.79 12.99
N LEU A 16 -13.09 -15.07 12.83
CA LEU A 16 -12.47 -15.54 11.60
C LEU A 16 -13.42 -15.43 10.42
N GLU A 17 -14.69 -15.76 10.63
CA GLU A 17 -15.65 -15.63 9.54
C GLU A 17 -15.77 -14.16 9.10
N LEU A 18 -15.83 -13.25 10.07
CA LEU A 18 -15.92 -11.83 9.73
C LEU A 18 -14.72 -11.39 8.90
N LYS A 19 -13.49 -11.81 9.28
CA LYS A 19 -12.30 -11.51 8.46
C LYS A 19 -12.44 -12.07 7.04
N LYS A 20 -12.96 -13.30 6.90
CA LYS A 20 -13.11 -13.87 5.57
C LYS A 20 -14.11 -13.10 4.72
N GLN A 21 -15.17 -12.56 5.35
CA GLN A 21 -16.15 -11.80 4.60
C GLN A 21 -15.57 -10.46 4.16
N ILE A 22 -14.70 -9.88 4.97
CA ILE A 22 -14.08 -8.60 4.60
C ILE A 22 -13.12 -8.82 3.44
N ILE A 23 -12.35 -9.88 3.45
CA ILE A 23 -11.37 -10.10 2.37
C ILE A 23 -12.09 -10.29 1.05
N LYS A 24 -13.16 -11.06 1.06
CA LYS A 24 -13.95 -11.28 -0.14
C LYS A 24 -14.55 -9.97 -0.68
N ALA A 25 -15.08 -9.10 0.20
CA ALA A 25 -15.69 -7.86 -0.31
C ALA A 25 -14.65 -6.91 -0.90
N LEU A 26 -13.42 -6.91 -0.39
CA LEU A 26 -12.38 -6.05 -0.93
C LEU A 26 -11.97 -6.44 -2.34
N ASP A 27 -12.21 -7.70 -2.74
CA ASP A 27 -12.03 -8.26 -4.10
C ASP A 27 -10.62 -7.97 -4.61
N LEU A 28 -9.63 -8.77 -4.18
CA LEU A 28 -8.23 -8.50 -4.50
C LEU A 28 -7.90 -8.73 -5.97
N ASP A 29 -8.73 -9.44 -6.72
CA ASP A 29 -8.56 -9.67 -8.14
C ASP A 29 -9.07 -8.53 -9.01
N TYR A 30 -9.64 -7.48 -8.43
CA TYR A 30 -10.18 -6.31 -9.16
C TYR A 30 -9.28 -5.11 -8.87
N TRP A 31 -8.27 -4.89 -9.74
CA TRP A 31 -7.24 -3.91 -9.39
C TRP A 31 -7.75 -2.48 -9.44
N GLN A 32 -8.87 -2.22 -10.11
CA GLN A 32 -9.38 -0.85 -10.20
C GLN A 32 -10.02 -0.33 -8.91
N GLY A 33 -10.41 -1.20 -7.98
CA GLY A 33 -10.96 -0.81 -6.68
C GLY A 33 -9.94 -0.91 -5.57
N SER A 34 -10.44 -0.96 -4.30
CA SER A 34 -9.51 -0.96 -3.17
C SER A 34 -8.51 -2.14 -3.20
N GLY A 35 -8.88 -3.28 -3.78
CA GLY A 35 -7.94 -4.42 -3.84
C GLY A 35 -6.66 -4.08 -4.60
N GLY A 36 -6.74 -3.14 -5.55
CA GLY A 36 -5.57 -2.72 -6.29
C GLY A 36 -4.65 -1.79 -5.52
N GLU A 37 -5.15 -1.16 -4.44
CA GLU A 37 -4.24 -0.48 -3.52
C GLU A 37 -3.64 -1.41 -2.49
N ILE A 38 -4.33 -2.47 -2.13
CA ILE A 38 -3.83 -3.39 -1.12
C ILE A 38 -2.65 -4.23 -1.64
N MET A 39 -2.76 -4.76 -2.86
CA MET A 39 -1.78 -5.77 -3.33
C MET A 39 -0.36 -5.22 -3.45
N PRO A 40 -0.14 -3.97 -3.88
CA PRO A 40 1.23 -3.41 -3.80
C PRO A 40 1.78 -3.27 -2.39
N LEU A 41 0.96 -2.99 -1.37
CA LEU A 41 1.49 -2.94 0.01
C LEU A 41 1.89 -4.34 0.51
N VAL A 42 1.07 -5.35 0.20
CA VAL A 42 1.35 -6.75 0.54
C VAL A 42 2.61 -7.26 -0.18
N LEU A 43 2.75 -6.89 -1.47
CA LEU A 43 3.99 -7.16 -2.21
C LEU A 43 5.21 -6.61 -1.47
N ILE A 44 5.19 -5.33 -1.09
CA ILE A 44 6.38 -4.76 -0.48
C ILE A 44 6.71 -5.50 0.82
N ASP A 45 5.69 -5.88 1.57
CA ASP A 45 5.93 -6.45 2.89
C ASP A 45 6.46 -7.87 2.79
N PHE A 46 5.87 -8.68 1.90
CA PHE A 46 6.35 -10.03 1.64
C PHE A 46 7.80 -10.04 1.17
N TYR A 47 8.16 -9.08 0.29
CA TYR A 47 9.54 -9.01 -0.20
C TYR A 47 10.48 -8.57 0.90
N LYS A 48 10.07 -7.58 1.69
CA LYS A 48 10.88 -7.16 2.82
C LYS A 48 11.12 -8.32 3.79
N ARG A 49 10.08 -9.08 4.10
CA ARG A 49 10.26 -10.18 5.04
C ARG A 49 11.28 -11.20 4.53
N HIS A 50 11.42 -11.34 3.20
CA HIS A 50 12.48 -12.15 2.60
C HIS A 50 13.73 -11.35 2.25
N ASN A 51 13.96 -10.21 2.90
CA ASN A 51 15.20 -9.41 2.75
C ASN A 51 15.44 -8.92 1.32
N ILE A 52 14.38 -8.48 0.62
CA ILE A 52 14.48 -7.87 -0.70
C ILE A 52 13.63 -6.59 -0.74
N ASN A 53 14.20 -5.51 -1.28
CA ASN A 53 13.56 -4.20 -1.35
C ASN A 53 12.79 -4.00 -2.65
N ILE A 54 11.58 -3.45 -2.54
CA ILE A 54 10.78 -3.06 -3.71
C ILE A 54 10.74 -1.53 -3.78
N ASN A 55 10.99 -0.95 -4.96
CA ASN A 55 10.83 0.49 -5.20
C ASN A 55 9.90 0.76 -6.39
N ILE A 56 8.92 1.64 -6.19
CA ILE A 56 7.87 1.96 -7.18
C ILE A 56 7.97 3.44 -7.55
N TYR A 57 7.99 3.72 -8.86
CA TYR A 57 8.11 5.08 -9.38
C TYR A 57 6.80 5.47 -10.07
N LEU A 58 6.32 6.68 -9.80
CA LEU A 58 5.02 7.18 -10.30
C LEU A 58 5.22 8.21 -11.40
N ASN A 59 4.56 7.97 -12.52
CA ASN A 59 4.53 8.82 -13.73
C ASN A 59 5.93 9.16 -14.23
N HIS A 60 6.08 10.36 -14.74
CA HIS A 60 7.43 10.75 -15.18
C HIS A 60 8.06 11.40 -13.96
N CYS A 61 9.04 10.76 -13.35
CA CYS A 61 9.69 11.44 -12.21
C CYS A 61 11.19 11.55 -12.44
N LYS A 62 11.85 12.44 -11.71
CA LYS A 62 13.28 12.76 -11.91
C LYS A 62 14.15 11.51 -11.76
N VAL A 63 13.85 10.61 -10.82
CA VAL A 63 14.69 9.39 -10.60
C VAL A 63 16.15 9.77 -10.27
N ASN A 64 16.35 10.37 -9.09
CA ASN A 64 17.67 10.82 -8.55
C ASN A 64 18.69 9.70 -8.28
N ASN A 65 18.35 8.55 -7.68
CA ASN A 65 19.42 7.52 -7.53
C ASN A 65 18.92 6.09 -7.71
N PHE A 66 19.36 5.37 -8.74
CA PHE A 66 18.81 4.04 -8.87
C PHE A 66 19.44 3.08 -7.87
N ASP A 67 18.64 2.21 -7.29
CA ASP A 67 19.12 1.09 -6.48
C ASP A 67 18.99 -0.19 -7.31
N LYS A 68 20.10 -0.60 -7.95
CA LYS A 68 20.08 -1.74 -8.85
C LYS A 68 19.81 -3.06 -8.11
N LYS A 69 20.08 -3.12 -6.80
CA LYS A 69 19.85 -4.36 -6.06
C LYS A 69 18.41 -4.53 -5.63
N ALA A 70 17.51 -3.61 -5.99
CA ALA A 70 16.11 -3.74 -5.64
C ALA A 70 15.28 -4.13 -6.86
N ILE A 71 14.06 -4.59 -6.59
CA ILE A 71 13.04 -4.76 -7.61
C ILE A 71 12.45 -3.38 -7.92
N ASN A 72 12.70 -2.86 -9.12
CA ASN A 72 12.26 -1.52 -9.51
C ASN A 72 11.13 -1.56 -10.54
N LEU A 73 10.02 -0.88 -10.22
CA LEU A 73 8.78 -0.86 -10.97
C LEU A 73 8.36 0.58 -11.27
N ILE A 74 7.65 0.77 -12.40
CA ILE A 74 7.10 2.08 -12.75
C ILE A 74 5.60 1.93 -12.96
N ASN A 75 4.83 2.84 -12.34
CA ASN A 75 3.39 2.93 -12.53
C ASN A 75 3.09 4.30 -13.10
N ALA A 76 2.93 4.38 -14.42
CA ALA A 76 2.48 5.59 -15.07
C ALA A 76 1.29 5.21 -15.93
N GLY A 77 0.18 5.92 -15.76
CA GLY A 77 -1.01 5.65 -16.56
C GLY A 77 -1.81 4.42 -16.19
N ASN A 78 -1.97 4.13 -14.89
CA ASN A 78 -2.72 2.96 -14.40
C ASN A 78 -2.16 1.64 -14.95
N HIS A 79 -0.87 1.60 -15.20
CA HIS A 79 -0.23 0.37 -15.68
C HIS A 79 1.14 0.20 -15.02
N TYR A 80 1.46 -1.02 -14.59
CA TYR A 80 2.80 -1.36 -14.08
C TYR A 80 3.68 -1.91 -15.21
N ASN A 81 4.91 -1.39 -15.35
CA ASN A 81 5.99 -2.01 -16.11
C ASN A 81 7.22 -2.09 -15.20
N ALA A 82 8.28 -2.75 -15.67
CA ALA A 82 9.53 -2.85 -14.92
C ALA A 82 10.54 -1.81 -15.40
N LEU A 83 11.54 -1.54 -14.54
CA LEU A 83 12.66 -0.66 -14.89
C LEU A 83 13.99 -1.38 -14.69
N THR A 84 14.95 -1.05 -15.54
CA THR A 84 16.31 -1.58 -15.44
C THR A 84 17.28 -0.59 -16.05
N MET A 85 18.57 -0.83 -15.82
CA MET A 85 19.66 0.00 -16.32
C MET A 85 20.37 -0.67 -17.52
N ASN A 86 20.62 0.10 -18.59
CA ASN A 86 21.36 -0.35 -19.76
C ASN A 86 22.57 0.56 -20.01
N SER A 87 23.41 0.17 -20.98
CA SER A 87 24.54 0.96 -21.49
C SER A 87 25.19 1.88 -20.47
N ARG A 88 25.65 1.32 -19.35
CA ARG A 88 26.40 2.05 -18.32
C ARG A 88 25.71 3.35 -17.89
N GLY A 89 24.44 3.26 -17.53
CA GLY A 89 23.76 4.44 -17.02
C GLY A 89 22.35 4.71 -17.52
N ASN A 90 21.99 4.15 -18.67
CA ASN A 90 20.62 4.19 -19.17
C ASN A 90 19.64 3.81 -18.05
N ILE A 91 18.41 4.29 -18.14
CA ILE A 91 17.29 3.69 -17.43
C ILE A 91 16.22 3.37 -18.46
N GLU A 92 15.85 2.10 -18.55
CA GLU A 92 14.93 1.64 -19.59
C GLU A 92 13.69 1.03 -18.95
N ARG A 93 12.58 1.12 -19.66
CA ARG A 93 11.31 0.53 -19.25
C ARG A 93 11.06 -0.75 -20.05
N ILE A 94 10.75 -1.85 -19.35
CA ILE A 94 10.41 -3.11 -20.01
C ILE A 94 8.91 -3.29 -19.98
N ASP A 95 8.28 -3.37 -21.15
CA ASP A 95 6.83 -3.47 -21.20
C ASP A 95 6.35 -4.85 -20.78
N VAL A 96 5.19 -4.90 -20.12
CA VAL A 96 4.52 -6.16 -19.81
C VAL A 96 3.08 -6.06 -20.30
N PRO A 97 2.43 -7.20 -20.54
CA PRO A 97 1.04 -7.19 -21.01
C PRO A 97 0.13 -6.28 -20.19
N GLY A 98 -0.76 -5.58 -20.90
CA GLY A 98 -1.69 -4.65 -20.28
C GLY A 98 -2.98 -5.30 -19.82
N ASP A 99 -2.87 -6.47 -19.17
CA ASP A 99 -4.03 -7.17 -18.64
C ASP A 99 -4.18 -6.79 -17.17
N GLY A 100 -5.12 -7.39 -16.47
CA GLY A 100 -5.26 -7.00 -15.07
C GLY A 100 -4.17 -7.47 -14.14
N ASN A 101 -3.17 -8.20 -14.65
CA ASN A 101 -2.12 -8.80 -13.85
C ASN A 101 -0.76 -8.16 -14.12
N CYS A 102 -0.72 -6.90 -14.59
CA CYS A 102 0.56 -6.24 -14.90
C CYS A 102 1.47 -6.12 -13.67
N LEU A 103 0.92 -5.94 -12.47
CA LEU A 103 1.78 -5.89 -11.27
C LEU A 103 2.63 -7.17 -11.13
N TYR A 104 1.99 -8.36 -11.22
CA TYR A 104 2.77 -9.58 -11.03
C TYR A 104 3.64 -9.91 -12.24
N HIS A 105 3.23 -9.53 -13.45
CA HIS A 105 4.14 -9.75 -14.59
C HIS A 105 5.36 -8.86 -14.48
N ALA A 106 5.18 -7.61 -14.02
CA ALA A 106 6.32 -6.68 -13.93
C ALA A 106 7.35 -7.19 -12.91
N VAL A 107 6.91 -7.75 -11.79
CA VAL A 107 7.87 -8.28 -10.80
C VAL A 107 8.64 -9.48 -11.38
N VAL A 108 7.92 -10.45 -11.99
CA VAL A 108 8.60 -11.58 -12.64
C VAL A 108 9.57 -11.10 -13.69
N LYS A 109 9.17 -10.13 -14.51
CA LYS A 109 10.07 -9.69 -15.56
C LYS A 109 11.34 -9.07 -14.97
N SER A 110 11.23 -8.39 -13.84
CA SER A 110 12.40 -7.75 -13.23
C SER A 110 13.34 -8.79 -12.61
N HIS A 111 12.81 -9.89 -12.07
CA HIS A 111 13.68 -11.00 -11.67
C HIS A 111 14.39 -11.62 -12.86
N GLN A 112 13.75 -11.63 -14.03
CA GLN A 112 14.35 -12.33 -15.16
C GLN A 112 15.51 -11.54 -15.76
N ILE A 113 15.45 -10.22 -15.71
CA ILE A 113 16.42 -9.42 -16.46
C ILE A 113 17.72 -9.32 -15.68
N THR A 114 17.67 -9.39 -14.35
CA THR A 114 18.89 -9.26 -13.55
C THR A 114 19.26 -10.51 -12.75
N ARG A 115 18.45 -11.58 -12.82
CA ARG A 115 18.74 -12.81 -12.07
C ARG A 115 18.74 -12.54 -10.58
N LYS A 116 17.88 -11.62 -10.14
CA LYS A 116 17.74 -11.26 -8.74
C LYS A 116 16.99 -12.35 -7.98
N PRO A 117 17.44 -12.68 -6.77
CA PRO A 117 16.88 -13.83 -6.04
C PRO A 117 15.36 -13.79 -5.88
N LYS A 118 14.73 -14.99 -5.95
CA LYS A 118 13.28 -15.10 -5.96
C LYS A 118 12.76 -15.57 -4.61
N PRO A 119 11.83 -14.83 -3.99
CA PRO A 119 11.29 -15.28 -2.69
C PRO A 119 10.04 -16.15 -2.78
N TYR A 120 9.61 -16.54 -3.97
CA TYR A 120 8.37 -17.29 -4.15
C TYR A 120 8.67 -18.60 -4.86
N GLY A 121 7.80 -19.61 -4.67
CA GLY A 121 7.59 -20.71 -5.61
C GLY A 121 8.38 -21.97 -5.29
N ASN A 122 7.98 -23.07 -5.95
CA ASN A 122 8.61 -24.38 -5.73
C ASN A 122 8.37 -25.27 -6.96
N GLU A 123 8.92 -26.50 -6.91
CA GLU A 123 8.84 -27.45 -8.02
C GLU A 123 7.47 -28.13 -8.16
N LEU A 124 6.65 -28.12 -7.10
CA LEU A 124 5.28 -28.65 -7.17
C LEU A 124 4.38 -27.84 -8.08
N GLN A 125 4.73 -26.60 -8.36
CA GLN A 125 3.93 -25.74 -9.20
C GLN A 125 4.60 -25.49 -10.56
N LYS A 126 5.49 -26.39 -11.01
CA LYS A 126 6.20 -26.12 -12.28
C LYS A 126 5.28 -26.11 -13.48
N ASP A 127 4.10 -26.73 -13.37
CA ASP A 127 3.08 -26.55 -14.40
C ASP A 127 2.40 -25.18 -14.31
N LYS A 128 2.63 -24.42 -13.26
CA LYS A 128 1.94 -23.12 -13.09
C LYS A 128 2.86 -21.96 -13.46
N PRO A 129 2.32 -20.93 -14.10
CA PRO A 129 3.14 -19.74 -14.43
C PRO A 129 3.70 -19.03 -13.18
N GLU A 130 4.93 -18.49 -13.30
CA GLU A 130 5.55 -17.77 -12.18
C GLU A 130 4.67 -16.63 -11.67
N TRP A 131 4.03 -15.87 -12.56
CA TRP A 131 3.24 -14.75 -12.09
C TRP A 131 2.05 -15.21 -11.25
N CYS A 132 1.55 -16.44 -11.47
CA CYS A 132 0.44 -16.98 -10.67
C CYS A 132 0.87 -17.38 -9.27
N ILE A 133 2.02 -18.03 -9.17
CA ILE A 133 2.60 -18.43 -7.89
C ILE A 133 2.81 -17.20 -7.00
N LEU A 134 3.39 -16.12 -7.57
CA LEU A 134 3.54 -14.86 -6.83
C LEU A 134 2.21 -14.28 -6.38
N LYS A 135 1.25 -14.15 -7.29
CA LYS A 135 -0.03 -13.54 -6.90
C LYS A 135 -0.69 -14.32 -5.76
N GLU A 136 -0.65 -15.66 -5.81
CA GLU A 136 -1.34 -16.47 -4.81
C GLU A 136 -0.60 -16.45 -3.47
N SER A 137 0.74 -16.41 -3.50
CA SER A 137 1.54 -16.16 -2.30
C SER A 137 1.18 -14.86 -1.63
N LEU A 138 0.88 -13.81 -2.41
CA LEU A 138 0.51 -12.52 -1.82
C LEU A 138 -0.89 -12.56 -1.22
N LYS A 139 -1.86 -13.24 -1.86
CA LYS A 139 -3.18 -13.33 -1.23
C LYS A 139 -3.15 -14.13 0.07
N THR A 140 -2.35 -15.19 0.11
CA THR A 140 -2.16 -15.96 1.34
C THR A 140 -1.57 -15.09 2.44
N HIS A 141 -0.52 -14.34 2.12
CA HIS A 141 0.10 -13.45 3.09
C HIS A 141 -0.90 -12.43 3.61
N PHE A 142 -1.73 -11.84 2.74
CA PHE A 142 -2.70 -10.86 3.22
C PHE A 142 -3.67 -11.49 4.20
N ASP A 143 -4.13 -12.70 3.88
CA ASP A 143 -5.04 -13.42 4.75
C ASP A 143 -4.43 -13.73 6.11
N LYS A 144 -3.17 -14.19 6.16
CA LYS A 144 -2.60 -14.64 7.44
C LYS A 144 -2.07 -13.51 8.30
N ASP A 145 -1.63 -12.41 7.68
CA ASP A 145 -1.20 -11.28 8.48
C ASP A 145 -2.16 -10.11 8.39
N PHE A 146 -3.45 -10.44 8.24
CA PHE A 146 -4.48 -9.43 8.04
C PHE A 146 -4.42 -8.35 9.11
N ASP A 147 -4.23 -8.75 10.36
CA ASP A 147 -4.29 -7.77 11.45
C ASP A 147 -3.23 -6.69 11.32
N GLN A 148 -2.13 -6.95 10.61
CA GLN A 148 -1.06 -5.99 10.35
C GLN A 148 -1.39 -4.99 9.24
N PHE A 149 -2.46 -5.21 8.47
CA PHE A 149 -2.88 -4.29 7.42
C PHE A 149 -4.19 -3.56 7.68
N VAL A 150 -4.82 -3.72 8.85
CA VAL A 150 -6.16 -3.18 9.07
C VAL A 150 -6.16 -1.66 9.00
N GLU A 151 -5.19 -1.00 9.63
CA GLU A 151 -5.15 0.47 9.60
C GLU A 151 -5.03 0.99 8.17
N GLN A 152 -4.17 0.34 7.36
CA GLN A 152 -4.03 0.69 5.96
C GLN A 152 -5.33 0.44 5.20
N VAL A 153 -5.97 -0.70 5.44
CA VAL A 153 -7.23 -0.97 4.75
C VAL A 153 -8.25 0.12 5.08
N LYS A 154 -8.35 0.53 6.36
CA LYS A 154 -9.27 1.61 6.73
C LYS A 154 -9.00 2.88 5.93
N CYS A 155 -7.74 3.32 5.90
CA CYS A 155 -7.40 4.56 5.22
C CYS A 155 -7.72 4.47 3.74
N ILE A 156 -7.45 3.31 3.12
CA ILE A 156 -7.79 3.14 1.70
C ILE A 156 -9.28 3.28 1.47
N LEU A 157 -10.11 2.63 2.32
CA LEU A 157 -11.56 2.73 2.15
C LEU A 157 -12.07 4.15 2.39
N ILE A 158 -11.55 4.86 3.39
CA ILE A 158 -11.98 6.26 3.63
C ILE A 158 -11.67 7.11 2.40
N SER A 159 -10.51 6.90 1.82
CA SER A 159 -10.05 7.78 0.76
C SER A 159 -10.82 7.55 -0.56
N GLU A 160 -11.42 6.37 -0.70
CA GLU A 160 -12.20 6.05 -1.89
C GLU A 160 -13.53 6.82 -1.95
N ASN A 161 -14.13 7.13 -0.80
CA ASN A 161 -15.34 7.96 -0.73
C ASN A 161 -16.51 7.36 -1.54
N THR A 162 -16.87 6.10 -1.29
CA THR A 162 -18.04 5.55 -1.98
C THR A 162 -18.95 4.79 -1.00
N HIS A 163 -20.21 4.65 -1.40
CA HIS A 163 -21.14 3.81 -0.64
C HIS A 163 -20.60 2.40 -0.46
N GLU A 164 -20.01 1.83 -1.54
CA GLU A 164 -19.51 0.49 -1.47
C GLU A 164 -18.40 0.37 -0.44
N ALA A 165 -17.51 1.36 -0.40
CA ALA A 165 -16.38 1.29 0.53
C ALA A 165 -16.85 1.57 1.97
N ASN A 166 -17.84 2.45 2.15
CA ASN A 166 -18.34 2.77 3.50
C ASN A 166 -18.99 1.57 4.17
N LYS A 167 -19.75 0.75 3.43
CA LYS A 167 -20.31 -0.48 4.00
C LYS A 167 -19.23 -1.45 4.44
N ILE A 168 -18.16 -1.61 3.64
CA ILE A 168 -17.03 -2.42 4.09
C ILE A 168 -16.36 -1.78 5.32
N LEU A 169 -16.22 -0.46 5.37
CA LEU A 169 -15.61 0.18 6.52
C LEU A 169 -16.39 -0.07 7.84
N ASP A 170 -17.72 -0.17 7.77
CA ASP A 170 -18.50 -0.57 8.94
C ASP A 170 -18.11 -1.96 9.41
N LYS A 171 -17.87 -2.91 8.51
CA LYS A 171 -17.47 -4.26 8.94
C LYS A 171 -16.06 -4.27 9.52
N VAL A 172 -15.16 -3.44 8.98
CA VAL A 172 -13.83 -3.30 9.55
C VAL A 172 -13.88 -2.68 10.95
N ALA A 173 -14.78 -1.73 11.17
CA ALA A 173 -14.83 -1.10 12.49
C ALA A 173 -15.34 -2.09 13.52
N GLN A 174 -16.28 -2.96 13.13
CA GLN A 174 -16.77 -3.97 14.04
C GLN A 174 -15.69 -5.00 14.34
N TYR A 175 -14.89 -5.36 13.33
CA TYR A 175 -13.79 -6.31 13.53
C TYR A 175 -12.74 -5.74 14.48
N SER A 176 -12.35 -4.46 14.31
CA SER A 176 -11.37 -3.83 15.18
C SER A 176 -11.89 -3.55 16.59
N GLY A 177 -13.18 -3.77 16.81
CA GLY A 177 -13.76 -3.61 18.15
C GLY A 177 -14.20 -2.20 18.51
N VAL A 178 -15.12 -1.64 17.73
CA VAL A 178 -15.71 -0.29 17.96
C VAL A 178 -17.12 -0.56 18.42
N LYS A 179 -17.53 -0.03 19.57
CA LYS A 179 -18.86 -0.39 20.08
C LYS A 179 -19.52 0.77 20.81
N GLY B 1 2.39 29.31 17.93
CA GLY B 1 3.50 28.48 18.38
C GLY B 1 3.67 27.22 17.55
N PRO B 2 4.87 27.01 17.00
CA PRO B 2 5.08 25.86 16.11
C PRO B 2 5.09 24.55 16.88
N MET B 3 4.54 23.51 16.26
CA MET B 3 4.42 22.22 16.89
C MET B 3 4.85 21.14 15.92
N GLN B 4 5.19 19.99 16.49
CA GLN B 4 5.70 18.87 15.73
C GLN B 4 4.58 17.86 15.49
N ILE B 5 4.49 17.39 14.25
CA ILE B 5 3.53 16.37 13.83
C ILE B 5 4.25 15.36 12.95
N PHE B 6 3.66 14.16 12.83
CA PHE B 6 4.20 13.12 11.97
C PHE B 6 3.24 12.85 10.83
N VAL B 7 3.82 12.44 9.69
CA VAL B 7 3.12 12.06 8.48
C VAL B 7 3.64 10.68 8.08
N LYS B 8 2.78 9.65 8.16
CA LYS B 8 3.17 8.28 7.88
C LYS B 8 2.45 7.76 6.65
N THR B 9 3.21 7.25 5.68
CA THR B 9 2.58 6.60 4.53
C THR B 9 2.08 5.21 4.91
N LEU B 10 1.25 4.63 4.04
CA LEU B 10 0.73 3.29 4.31
C LEU B 10 1.81 2.20 4.20
N THR B 11 2.99 2.52 3.71
CA THR B 11 4.08 1.57 3.83
C THR B 11 4.87 1.74 5.11
N GLY B 12 4.51 2.70 5.97
CA GLY B 12 5.19 2.92 7.23
C GLY B 12 6.29 3.98 7.21
N LYS B 13 6.67 4.51 6.03
CA LYS B 13 7.63 5.62 6.00
C LYS B 13 7.06 6.81 6.80
N THR B 14 7.79 7.25 7.82
CA THR B 14 7.33 8.37 8.63
C THR B 14 8.27 9.56 8.43
N ILE B 15 7.70 10.77 8.36
CA ILE B 15 8.50 11.99 8.38
C ILE B 15 7.95 12.92 9.44
N THR B 16 8.81 13.82 9.91
CA THR B 16 8.49 14.83 10.93
C THR B 16 8.26 16.18 10.26
N LEU B 17 7.17 16.88 10.62
CA LEU B 17 7.00 18.25 10.19
C LEU B 17 6.83 19.17 11.39
N GLU B 18 7.22 20.45 11.20
CA GLU B 18 6.88 21.50 12.15
C GLU B 18 5.85 22.42 11.49
N VAL B 19 4.75 22.65 12.20
CA VAL B 19 3.59 23.33 11.63
C VAL B 19 3.02 24.32 12.65
N GLU B 20 2.15 25.15 12.18
CA GLU B 20 1.36 26.07 12.97
C GLU B 20 -0.10 25.61 12.92
N PRO B 21 -0.83 25.78 14.02
CA PRO B 21 -2.27 25.46 13.99
C PRO B 21 -3.00 26.11 12.83
N SER B 22 -2.58 27.30 12.38
CA SER B 22 -3.27 28.01 11.31
C SER B 22 -2.83 27.62 9.89
N ASP B 23 -1.94 26.64 9.73
CA ASP B 23 -1.53 26.23 8.40
C ASP B 23 -2.68 25.47 7.73
N THR B 24 -2.86 25.73 6.44
CA THR B 24 -3.87 25.05 5.63
C THR B 24 -3.45 23.61 5.29
N ILE B 25 -4.43 22.82 4.86
CA ILE B 25 -4.09 21.46 4.44
C ILE B 25 -3.17 21.52 3.23
N GLU B 26 -3.43 22.46 2.30
CA GLU B 26 -2.61 22.50 1.09
C GLU B 26 -1.18 22.97 1.39
N ASN B 27 -0.99 23.76 2.46
CA ASN B 27 0.37 24.10 2.89
C ASN B 27 1.08 22.88 3.47
N VAL B 28 0.36 22.08 4.26
CA VAL B 28 0.95 20.84 4.76
C VAL B 28 1.39 19.95 3.59
N LYS B 29 0.57 19.84 2.54
CA LYS B 29 0.98 19.09 1.34
C LYS B 29 2.25 19.65 0.70
N ALA B 30 2.43 20.98 0.68
CA ALA B 30 3.68 21.55 0.17
C ALA B 30 4.88 21.14 1.02
N LYS B 31 4.71 21.12 2.35
CA LYS B 31 5.82 20.70 3.20
C LYS B 31 6.17 19.23 2.99
N ILE B 32 5.17 18.38 2.74
CA ILE B 32 5.45 16.97 2.46
C ILE B 32 6.22 16.84 1.15
N GLN B 33 5.81 17.57 0.12
CA GLN B 33 6.58 17.59 -1.12
C GLN B 33 8.03 18.04 -0.89
N ASP B 34 8.26 19.05 -0.01
CA ASP B 34 9.63 19.48 0.19
C ASP B 34 10.54 18.38 0.75
N LYS B 35 9.97 17.38 1.43
CA LYS B 35 10.75 16.31 2.06
C LYS B 35 10.72 14.97 1.33
N GLU B 36 9.62 14.64 0.66
CA GLU B 36 9.48 13.34 0.03
C GLU B 36 9.37 13.38 -1.48
N GLY B 37 9.22 14.56 -2.09
CA GLY B 37 9.11 14.71 -3.53
C GLY B 37 7.74 14.42 -4.14
N ILE B 38 6.72 14.09 -3.35
CA ILE B 38 5.37 13.79 -3.87
C ILE B 38 4.58 15.08 -4.18
N PRO B 39 4.14 15.30 -5.42
CA PRO B 39 3.36 16.52 -5.72
C PRO B 39 2.08 16.59 -4.90
N PRO B 40 1.67 17.80 -4.50
CA PRO B 40 0.42 17.92 -3.70
C PRO B 40 -0.81 17.28 -4.33
N ASP B 41 -0.98 17.30 -5.66
CA ASP B 41 -2.16 16.69 -6.27
C ASP B 41 -2.12 15.17 -6.34
N GLN B 42 -1.04 14.53 -5.87
CA GLN B 42 -1.06 13.10 -5.66
C GLN B 42 -1.31 12.73 -4.21
N GLN B 43 -1.56 13.70 -3.34
CA GLN B 43 -1.58 13.44 -1.91
C GLN B 43 -3.01 13.44 -1.36
N ARG B 44 -3.32 12.47 -0.49
CA ARG B 44 -4.53 12.47 0.31
CA ARG B 44 -4.54 12.45 0.29
C ARG B 44 -4.15 12.17 1.74
N LEU B 45 -4.64 12.99 2.68
CA LEU B 45 -4.28 12.89 4.09
C LEU B 45 -5.46 12.48 4.93
N ILE B 46 -5.21 11.64 5.92
CA ILE B 46 -6.28 11.19 6.79
C ILE B 46 -5.92 11.39 8.26
N PHE B 47 -6.91 11.84 9.05
CA PHE B 47 -6.70 11.98 10.48
C PHE B 47 -8.02 11.72 11.18
N ALA B 48 -7.96 10.86 12.20
CA ALA B 48 -9.10 10.56 13.04
C ALA B 48 -10.33 10.19 12.21
N GLY B 49 -10.12 9.37 11.16
CA GLY B 49 -11.26 8.88 10.42
C GLY B 49 -11.80 9.82 9.38
N LYS B 50 -11.11 10.91 9.09
CA LYS B 50 -11.61 11.92 8.18
C LYS B 50 -10.54 12.30 7.16
N GLN B 51 -10.97 12.51 5.93
CA GLN B 51 -10.07 13.03 4.92
C GLN B 51 -9.94 14.54 5.04
N LEU B 52 -8.71 15.03 5.13
CA LEU B 52 -8.47 16.47 5.28
C LEU B 52 -8.61 17.20 3.94
N GLU B 53 -9.32 18.33 3.96
CA GLU B 53 -9.69 19.03 2.74
C GLU B 53 -8.82 20.25 2.53
N ASP B 54 -8.47 20.50 1.28
CA ASP B 54 -7.87 21.80 0.91
C ASP B 54 -8.81 22.91 1.31
N GLY B 55 -8.25 24.08 1.63
CA GLY B 55 -9.07 25.17 2.10
C GLY B 55 -9.39 25.16 3.60
N ARG B 56 -8.99 24.11 4.33
CA ARG B 56 -9.18 24.12 5.77
C ARG B 56 -7.82 24.15 6.45
N THR B 57 -7.85 24.47 7.74
CA THR B 57 -6.64 24.50 8.54
C THR B 57 -6.51 23.26 9.42
N LEU B 58 -5.28 23.02 9.90
CA LEU B 58 -5.06 21.97 10.89
C LEU B 58 -5.94 22.17 12.13
N SER B 59 -5.97 23.38 12.70
CA SER B 59 -6.81 23.63 13.87
C SER B 59 -8.26 23.19 13.68
N ASP B 60 -8.80 23.21 12.44
CA ASP B 60 -10.21 22.84 12.30
C ASP B 60 -10.43 21.43 12.79
N TYR B 61 -9.44 20.57 12.62
CA TYR B 61 -9.52 19.16 12.97
C TYR B 61 -8.98 18.86 14.39
N ASN B 62 -8.70 19.89 15.20
CA ASN B 62 -8.08 19.69 16.54
C ASN B 62 -6.83 18.80 16.47
N ILE B 63 -6.01 18.98 15.43
CA ILE B 63 -4.73 18.28 15.36
C ILE B 63 -3.80 18.91 16.39
N GLN B 64 -3.17 18.09 17.21
CA GLN B 64 -2.36 18.56 18.33
C GLN B 64 -0.88 18.19 18.13
N LYS B 65 -0.02 18.69 19.00
CA LYS B 65 1.39 18.32 18.98
C LYS B 65 1.53 16.80 19.06
N GLU B 66 2.45 16.25 18.24
CA GLU B 66 2.74 14.80 18.18
C GLU B 66 1.59 13.99 17.57
N SER B 67 0.61 14.64 16.94
CA SER B 67 -0.41 13.92 16.16
C SER B 67 0.21 13.22 14.95
N THR B 68 -0.42 12.12 14.51
CA THR B 68 0.01 11.42 13.29
C THR B 68 -1.07 11.54 12.21
N LEU B 69 -0.67 12.06 11.03
CA LEU B 69 -1.50 12.04 9.83
C LEU B 69 -1.07 10.88 8.92
N HIS B 70 -2.05 10.31 8.20
CA HIS B 70 -1.77 9.19 7.30
C HIS B 70 -1.80 9.69 5.86
N LEU B 71 -0.76 9.39 5.11
CA LEU B 71 -0.63 9.79 3.72
C LEU B 71 -0.98 8.60 2.81
N VAL B 72 -1.99 8.81 1.95
CA VAL B 72 -2.49 7.82 1.02
C VAL B 72 -2.12 8.27 -0.40
N LEU B 73 -1.40 7.42 -1.11
CA LEU B 73 -1.10 7.60 -2.53
C LEU B 73 -1.90 6.59 -3.36
N ARG B 74 -2.10 6.90 -4.64
CA ARG B 74 -2.75 5.96 -5.55
C ARG B 74 -1.68 5.06 -6.19
N LEU B 75 -1.63 3.78 -5.81
CA LEU B 75 -0.67 2.84 -6.38
C LEU B 75 -1.30 1.81 -7.31
N ARG B 76 -2.61 1.83 -7.50
CA ARG B 76 -3.21 0.72 -8.27
C ARG B 76 -2.88 0.79 -9.77
N GLY B 77 -2.71 -0.36 -10.40
CA GLY B 77 -2.58 -0.39 -11.85
C GLY B 77 -2.76 -1.80 -12.40
N NEH B 78 -3.01 -1.89 -13.72
CA NEH B 78 -3.21 -3.18 -14.35
CB NEH B 78 -2.07 -3.44 -15.34
C FMT C . -13.23 -9.95 -9.86
O1 FMT C . -13.29 -10.76 -8.91
O2 FMT C . -13.88 -8.88 -9.93
C FMT D . -7.30 6.94 10.76
O1 FMT D . -8.44 7.31 10.46
O2 FMT D . -7.04 5.78 11.05
C FMT E . -2.31 29.01 0.89
O1 FMT E . -3.18 28.60 0.12
O2 FMT E . -1.99 28.37 1.91
#